data_8QNB
#
_entry.id   8QNB
#
_cell.length_a   57.527
_cell.length_b   69.964
_cell.length_c   71.239
_cell.angle_alpha   90.00
_cell.angle_beta   103.72
_cell.angle_gamma   90.00
#
_symmetry.space_group_name_H-M   'P 1 21 1'
#
loop_
_entity.id
_entity.type
_entity.pdbx_description
1 polymer 'L-galactono-1,4-lactone dehydrogenase'
2 non-polymer 'FLAVIN-ADENINE DINUCLEOTIDE'
3 non-polymer L-galactono-1,4-lactone
4 water water
#
_entity_poly.entity_id   1
_entity_poly.type   'polypeptide(L)'
_entity_poly.pdbx_seq_one_letter_code
;MYAPAAEDEHTITNWSGTHAVRPKRFFQPESVEELEKIVKEAHEKGQKIRPVGSGLSPNGLAFSEDGMVSLALMDKVLHV
DKEKKQVTVQAGARVQQVVDALRPHGLTLQNFASISEQQIGGFIQVGAHGTGARIPPVDEQVVSMKLVTPAKGTIELSEE
KDPELFRLARCGLGALGVVTEVTLQCVPRHKLLEHTFVATMKEVKKNHEKLLRENKHVRYMWIPYTDTVVVVTCNPLPEG
KKAPKVKPQYSEDEKLQPLRNLLREAAPPARAPEVAAPSSSETSPEVSGLSFTELRDALLAVDPLDTEWVKRVNQAEAEF
WKRSEGYRVGWSDEILGFDCGGQQWVSEVAFPAGTLEKPSAADLEYMEELMRLINKEGIPAPAPIEQRWTAGSSSPMSPA
YSPSPDSVFSWVGIIMYLPTEDEEQRKAITEAFRQYRKLCETRLWDKYGAAEHWAKIEVPEDPEELEALRERLRKRYPGV
DKFNKARRELDPKNILSNDMIDSLFPAAESA
;
_entity_poly.pdbx_strand_id   A
#
# COMPACT_ATOMS: atom_id res chain seq x y z
N HIS A 10 3.30 25.15 9.34
CA HIS A 10 3.32 24.09 8.27
C HIS A 10 2.54 22.86 8.76
N THR A 11 1.28 22.74 8.33
CA THR A 11 0.42 21.53 8.52
C THR A 11 0.70 20.48 7.44
N ILE A 12 0.77 19.22 7.85
CA ILE A 12 0.88 18.04 6.95
C ILE A 12 -0.41 17.22 7.10
N THR A 13 -1.03 16.88 5.97
CA THR A 13 -2.31 16.13 5.89
C THR A 13 -2.08 14.91 5.02
N ASN A 14 -2.71 13.79 5.34
CA ASN A 14 -2.52 12.56 4.53
C ASN A 14 -3.44 12.67 3.30
N TRP A 15 -3.31 11.68 2.41
CA TRP A 15 -3.94 11.65 1.06
C TRP A 15 -5.45 11.84 1.19
N SER A 16 -6.07 11.15 2.14
CA SER A 16 -7.54 11.03 2.32
C SER A 16 -8.05 12.08 3.32
N GLY A 17 -7.16 12.91 3.87
CA GLY A 17 -7.51 13.96 4.84
C GLY A 17 -8.09 13.37 6.11
N THR A 18 -7.71 12.14 6.49
CA THR A 18 -8.22 11.42 7.68
C THR A 18 -7.31 11.71 8.88
N HIS A 19 -6.12 12.24 8.64
CA HIS A 19 -5.17 12.62 9.70
C HIS A 19 -4.41 13.86 9.23
N ALA A 20 -4.16 14.78 10.16
CA ALA A 20 -3.28 15.94 9.92
C ALA A 20 -2.52 16.25 11.20
N VAL A 21 -1.45 17.00 11.08
CA VAL A 21 -0.51 17.32 12.19
C VAL A 21 0.11 18.68 11.87
N ARG A 22 0.26 19.52 12.91
CA ARG A 22 0.93 20.85 12.83
C ARG A 22 2.17 20.74 13.73
N PRO A 23 3.29 20.17 13.26
CA PRO A 23 4.38 19.81 14.15
C PRO A 23 5.05 21.10 14.69
N LYS A 24 5.33 21.15 16.00
CA LYS A 24 6.00 22.32 16.63
C LYS A 24 7.35 22.55 15.93
N ARG A 25 8.10 21.50 15.62
CA ARG A 25 9.38 21.63 14.89
C ARG A 25 9.29 20.82 13.59
N PHE A 26 9.79 21.40 12.50
CA PHE A 26 9.77 20.82 11.14
C PHE A 26 11.07 21.18 10.44
N PHE A 27 11.87 20.17 10.13
CA PHE A 27 13.18 20.30 9.47
C PHE A 27 13.11 19.71 8.06
N GLN A 28 13.96 20.21 7.18
CA GLN A 28 13.96 19.89 5.75
C GLN A 28 15.38 20.13 5.26
N PRO A 29 16.35 19.36 5.78
CA PRO A 29 17.74 19.54 5.36
C PRO A 29 17.97 19.30 3.85
N GLU A 30 19.03 19.92 3.32
CA GLU A 30 19.42 19.86 1.88
C GLU A 30 20.64 18.95 1.72
N SER A 31 21.13 18.38 2.82
CA SER A 31 22.41 17.63 2.83
C SER A 31 22.48 16.67 4.02
N VAL A 32 23.30 15.61 3.90
CA VAL A 32 23.51 14.60 4.97
C VAL A 32 24.08 15.34 6.18
N GLU A 33 25.05 16.24 5.94
CA GLU A 33 25.77 17.01 6.98
C GLU A 33 24.75 17.81 7.79
N GLU A 34 23.83 18.50 7.13
CA GLU A 34 22.71 19.23 7.79
C GLU A 34 21.86 18.23 8.56
N LEU A 35 21.54 17.08 7.94
CA LEU A 35 20.74 16.03 8.63
C LEU A 35 21.48 15.51 9.87
N GLU A 36 22.74 15.12 9.72
CA GLU A 36 23.54 14.57 10.86
C GLU A 36 23.42 15.54 12.05
N LYS A 37 23.67 16.84 11.80
CA LYS A 37 23.67 17.92 12.81
C LYS A 37 22.31 18.02 13.53
N ILE A 38 21.21 17.99 12.78
CA ILE A 38 19.83 18.02 13.33
C ILE A 38 19.66 16.83 14.29
N VAL A 39 20.04 15.63 13.86
CA VAL A 39 19.83 14.39 14.68
C VAL A 39 20.73 14.42 15.95
N LYS A 40 21.99 14.84 15.82
CA LYS A 40 22.91 15.01 16.99
C LYS A 40 22.31 15.97 18.02
N GLU A 41 21.82 17.12 17.56
CA GLU A 41 21.26 18.16 18.45
C GLU A 41 19.95 17.67 19.07
N ALA A 42 19.09 17.02 18.30
CA ALA A 42 17.80 16.52 18.82
C ALA A 42 18.10 15.37 19.80
N HIS A 43 19.12 14.55 19.51
CA HIS A 43 19.60 13.54 20.49
C HIS A 43 19.99 14.23 21.81
N GLU A 44 20.97 15.14 21.77
CA GLU A 44 21.48 15.92 22.93
C GLU A 44 20.31 16.51 23.73
N LYS A 45 19.42 17.25 23.06
CA LYS A 45 18.36 18.03 23.73
C LYS A 45 17.13 17.17 24.06
N GLY A 46 17.15 15.88 23.71
CA GLY A 46 16.03 14.93 23.91
C GLY A 46 14.75 15.33 23.18
N GLN A 47 14.86 15.95 21.99
CA GLN A 47 13.69 16.47 21.22
C GLN A 47 13.27 15.48 20.13
N LYS A 48 11.97 15.16 20.07
CA LYS A 48 11.32 14.33 19.00
C LYS A 48 11.67 14.87 17.59
N ILE A 49 11.97 13.95 16.66
CA ILE A 49 12.15 14.20 15.20
C ILE A 49 11.69 12.94 14.45
N ARG A 50 10.39 12.75 14.25
CA ARG A 50 9.90 11.60 13.50
C ARG A 50 10.19 11.82 12.01
N PRO A 51 10.81 10.83 11.32
CA PRO A 51 10.99 10.95 9.87
C PRO A 51 9.61 10.93 9.20
N VAL A 52 9.48 11.77 8.18
CA VAL A 52 8.26 11.88 7.34
C VAL A 52 8.74 11.88 5.89
N GLY A 53 8.06 11.15 5.03
CA GLY A 53 8.23 11.24 3.57
C GLY A 53 7.17 12.19 3.04
N SER A 54 6.33 11.72 2.12
CA SER A 54 5.29 12.56 1.46
C SER A 54 4.09 12.70 2.39
N GLY A 55 4.07 12.00 3.53
CA GLY A 55 3.01 12.11 4.54
C GLY A 55 1.70 11.46 4.11
N LEU A 56 1.75 10.45 3.22
CA LEU A 56 0.56 9.92 2.51
C LEU A 56 -0.10 8.82 3.33
N SER A 57 0.66 8.13 4.20
CA SER A 57 0.17 6.95 4.94
C SER A 57 -1.27 7.18 5.39
N PRO A 58 -2.22 6.29 5.01
CA PRO A 58 -3.59 6.36 5.51
C PRO A 58 -3.73 6.50 7.03
N ASN A 59 -2.80 5.96 7.83
CA ASN A 59 -2.91 5.95 9.31
C ASN A 59 -2.03 7.03 9.99
N GLY A 60 -1.46 7.98 9.25
CA GLY A 60 -0.61 9.06 9.79
C GLY A 60 0.64 8.55 10.53
N LEU A 61 1.11 7.34 10.22
CA LEU A 61 2.27 6.67 10.86
C LEU A 61 3.43 7.63 11.20
N ALA A 62 3.73 8.55 10.27
CA ALA A 62 4.90 9.46 10.29
C ALA A 62 4.63 10.73 11.12
N PHE A 63 3.44 10.92 11.67
CA PHE A 63 3.04 12.22 12.24
C PHE A 63 3.49 12.34 13.72
N SER A 64 3.89 13.54 14.11
CA SER A 64 4.28 13.92 15.50
C SER A 64 3.91 15.38 15.76
N GLU A 65 3.05 15.64 16.74
CA GLU A 65 2.78 16.99 17.29
C GLU A 65 4.10 17.71 17.61
N ASP A 66 5.19 16.98 17.91
CA ASP A 66 6.40 17.55 18.55
C ASP A 66 7.44 17.92 17.49
N GLY A 67 7.91 16.96 16.70
CA GLY A 67 8.98 17.23 15.71
C GLY A 67 8.95 16.23 14.57
N MET A 68 9.17 16.70 13.35
CA MET A 68 9.21 15.84 12.15
C MET A 68 10.35 16.34 11.28
N VAL A 69 11.07 15.43 10.60
CA VAL A 69 12.12 15.77 9.60
C VAL A 69 11.75 15.11 8.26
N SER A 70 11.76 15.93 7.21
CA SER A 70 11.43 15.56 5.83
C SER A 70 12.73 15.59 5.04
N LEU A 71 13.01 14.61 4.19
CA LEU A 71 14.21 14.67 3.30
C LEU A 71 13.80 15.03 1.89
N ALA A 72 12.64 15.68 1.72
CA ALA A 72 12.08 16.05 0.39
C ALA A 72 13.12 16.77 -0.47
N LEU A 73 14.05 17.54 0.11
CA LEU A 73 15.04 18.35 -0.66
C LEU A 73 16.27 17.51 -0.99
N MET A 74 16.39 16.33 -0.39
CA MET A 74 17.49 15.34 -0.62
C MET A 74 16.92 14.22 -1.48
N ASP A 75 17.02 14.37 -2.81
CA ASP A 75 16.19 13.60 -3.76
C ASP A 75 16.92 13.36 -5.08
N LYS A 76 18.26 13.42 -5.13
CA LYS A 76 19.06 13.13 -6.36
C LYS A 76 19.25 11.61 -6.53
N VAL A 77 19.31 11.13 -7.76
CA VAL A 77 19.92 9.80 -8.04
C VAL A 77 21.43 9.99 -7.94
N LEU A 78 22.10 9.26 -7.05
CA LEU A 78 23.53 9.45 -6.73
C LEU A 78 24.39 8.66 -7.73
N HIS A 79 24.05 7.39 -7.95
CA HIS A 79 24.85 6.41 -8.74
C HIS A 79 23.93 5.39 -9.42
N VAL A 80 24.24 5.04 -10.68
CA VAL A 80 23.66 3.89 -11.41
C VAL A 80 24.79 2.93 -11.77
N ASP A 81 24.80 1.74 -11.17
CA ASP A 81 25.70 0.62 -11.56
C ASP A 81 25.05 -0.10 -12.75
N LYS A 82 25.36 0.35 -13.97
CA LYS A 82 24.85 -0.22 -15.26
C LYS A 82 24.92 -1.75 -15.24
N GLU A 83 25.99 -2.35 -14.73
CA GLU A 83 26.26 -3.82 -14.87
C GLU A 83 25.28 -4.62 -14.00
N LYS A 84 25.07 -4.22 -12.75
CA LYS A 84 24.24 -4.96 -11.76
C LYS A 84 22.78 -4.47 -11.77
N LYS A 85 22.45 -3.53 -12.65
CA LYS A 85 21.09 -2.92 -12.77
C LYS A 85 20.68 -2.41 -11.38
N GLN A 86 21.49 -1.53 -10.80
CA GLN A 86 21.28 -1.02 -9.43
C GLN A 86 21.36 0.51 -9.45
N VAL A 87 20.54 1.14 -8.62
CA VAL A 87 20.48 2.62 -8.48
C VAL A 87 20.72 2.93 -7.01
N THR A 88 21.55 3.94 -6.74
CA THR A 88 21.71 4.53 -5.39
C THR A 88 21.04 5.89 -5.39
N VAL A 89 20.07 6.10 -4.50
CA VAL A 89 19.21 7.32 -4.55
C VAL A 89 18.99 7.84 -3.12
N GLN A 90 18.99 9.15 -2.99
CA GLN A 90 18.64 9.83 -1.71
C GLN A 90 17.20 9.46 -1.32
N ALA A 91 16.97 9.22 -0.04
CA ALA A 91 15.70 8.67 0.49
C ALA A 91 14.51 9.59 0.10
N GLY A 92 14.72 10.91 -0.01
CA GLY A 92 13.62 11.86 -0.24
C GLY A 92 13.12 11.89 -1.67
N ALA A 93 13.78 11.17 -2.59
CA ALA A 93 13.30 11.04 -3.98
C ALA A 93 11.93 10.36 -3.96
N ARG A 94 10.94 10.90 -4.66
CA ARG A 94 9.64 10.21 -4.84
C ARG A 94 9.86 9.06 -5.82
N VAL A 95 9.07 8.00 -5.69
CA VAL A 95 9.19 6.83 -6.62
C VAL A 95 9.12 7.38 -8.06
N GLN A 96 8.29 8.37 -8.32
CA GLN A 96 8.07 8.94 -9.67
C GLN A 96 9.35 9.63 -10.17
N GLN A 97 10.07 10.34 -9.29
CA GLN A 97 11.37 11.00 -9.61
C GLN A 97 12.41 9.91 -9.99
N VAL A 98 12.37 8.76 -9.34
CA VAL A 98 13.31 7.64 -9.59
C VAL A 98 13.02 7.07 -10.98
N VAL A 99 11.76 6.82 -11.28
CA VAL A 99 11.36 6.25 -12.60
C VAL A 99 11.87 7.19 -13.68
N ASP A 100 11.62 8.49 -13.52
CA ASP A 100 11.97 9.50 -14.56
C ASP A 100 13.48 9.49 -14.70
N ALA A 101 14.22 9.56 -13.59
CA ALA A 101 15.70 9.54 -13.59
C ALA A 101 16.24 8.29 -14.28
N LEU A 102 15.63 7.12 -14.03
CA LEU A 102 16.09 5.80 -14.56
C LEU A 102 15.75 5.66 -16.04
N ARG A 103 14.84 6.47 -16.55
CA ARG A 103 14.33 6.38 -17.94
C ARG A 103 15.54 6.26 -18.89
N PRO A 104 16.43 7.28 -18.99
CA PRO A 104 17.55 7.20 -19.92
C PRO A 104 18.52 6.04 -19.69
N HIS A 105 18.66 5.52 -18.46
CA HIS A 105 19.59 4.40 -18.15
C HIS A 105 18.98 3.02 -18.45
N GLY A 106 17.76 2.97 -19.02
CA GLY A 106 17.07 1.74 -19.42
C GLY A 106 16.60 0.87 -18.25
N LEU A 107 16.38 1.44 -17.06
CA LEU A 107 16.00 0.65 -15.86
C LEU A 107 14.68 1.13 -15.27
N THR A 108 14.01 0.24 -14.54
CA THR A 108 12.75 0.51 -13.82
C THR A 108 12.81 -0.29 -12.53
N LEU A 109 11.85 -0.11 -11.63
CA LEU A 109 11.76 -0.91 -10.38
C LEU A 109 11.10 -2.22 -10.73
N GLN A 110 11.27 -3.24 -9.89
CA GLN A 110 10.69 -4.59 -10.10
C GLN A 110 9.17 -4.52 -9.97
N ASN A 111 8.69 -3.56 -9.18
CA ASN A 111 7.23 -3.41 -8.91
C ASN A 111 6.95 -1.96 -8.54
N PHE A 112 5.70 -1.55 -8.69
CA PHE A 112 5.15 -0.24 -8.26
C PHE A 112 3.89 -0.50 -7.43
N ALA A 113 3.64 0.38 -6.45
CA ALA A 113 2.34 0.51 -5.77
C ALA A 113 1.32 1.16 -6.74
N SER A 114 0.07 1.29 -6.30
CA SER A 114 -1.05 1.90 -7.08
C SER A 114 -0.78 3.39 -7.30
N ILE A 115 0.07 4.03 -6.49
CA ILE A 115 0.59 5.42 -6.75
C ILE A 115 2.10 5.42 -6.55
N SER A 116 2.76 6.52 -6.97
CA SER A 116 4.23 6.70 -7.01
C SER A 116 4.62 8.05 -6.43
N GLU A 117 3.80 8.64 -5.58
CA GLU A 117 4.05 9.96 -4.92
CA GLU A 117 4.13 9.95 -4.97
C GLU A 117 4.81 9.71 -3.61
N GLN A 118 4.90 8.44 -3.15
CA GLN A 118 5.64 8.03 -1.93
C GLN A 118 7.12 8.39 -2.06
N GLN A 119 7.77 8.85 -1.00
CA GLN A 119 9.25 8.97 -1.02
C GLN A 119 9.87 7.56 -0.93
N ILE A 120 11.09 7.37 -1.42
CA ILE A 120 11.76 6.04 -1.34
C ILE A 120 11.85 5.58 0.13
N GLY A 121 12.20 6.49 1.04
CA GLY A 121 12.26 6.15 2.47
C GLY A 121 10.93 5.64 3.00
N GLY A 122 9.86 6.39 2.77
CA GLY A 122 8.52 6.04 3.28
C GLY A 122 8.00 4.79 2.60
N PHE A 123 8.41 4.56 1.37
CA PHE A 123 8.05 3.36 0.58
C PHE A 123 8.62 2.09 1.25
N ILE A 124 9.91 2.07 1.58
CA ILE A 124 10.60 0.87 2.14
C ILE A 124 10.30 0.72 3.64
N GLN A 125 10.05 1.79 4.41
CA GLN A 125 9.96 1.69 5.89
C GLN A 125 8.65 1.00 6.32
N VAL A 126 7.66 0.87 5.43
CA VAL A 126 6.35 0.20 5.71
C VAL A 126 6.26 -1.14 4.97
N GLY A 127 7.28 -1.49 4.18
CA GLY A 127 7.28 -2.70 3.35
C GLY A 127 6.16 -2.67 2.31
N ALA A 128 6.05 -1.56 1.56
CA ALA A 128 5.05 -1.35 0.49
C ALA A 128 5.27 -2.39 -0.61
N HIS A 129 4.23 -2.68 -1.38
CA HIS A 129 4.19 -3.82 -2.32
C HIS A 129 3.29 -3.49 -3.49
N GLY A 130 3.50 -4.22 -4.58
CA GLY A 130 2.62 -4.25 -5.75
C GLY A 130 1.97 -5.61 -5.86
N THR A 131 1.88 -6.13 -7.07
CA THR A 131 1.29 -7.48 -7.31
C THR A 131 2.25 -8.25 -8.21
N GLY A 132 2.15 -9.57 -8.16
CA GLY A 132 3.10 -10.49 -8.80
C GLY A 132 3.54 -11.52 -7.79
N ALA A 133 3.08 -12.76 -7.98
CA ALA A 133 3.26 -13.85 -6.99
C ALA A 133 4.74 -14.21 -6.84
N ARG A 134 5.60 -13.80 -7.79
CA ARG A 134 7.08 -14.03 -7.79
C ARG A 134 7.87 -12.77 -7.44
N ILE A 135 7.20 -11.70 -7.02
CA ILE A 135 7.88 -10.39 -6.75
C ILE A 135 7.65 -10.05 -5.29
N PRO A 136 8.74 -9.82 -4.54
CA PRO A 136 8.62 -9.50 -3.13
C PRO A 136 8.16 -8.04 -2.96
N PRO A 137 7.79 -7.65 -1.72
CA PRO A 137 7.58 -6.26 -1.37
C PRO A 137 8.89 -5.49 -1.55
N VAL A 138 8.77 -4.18 -1.63
CA VAL A 138 9.91 -3.31 -2.06
C VAL A 138 11.10 -3.46 -1.09
N ASP A 139 10.84 -3.77 0.18
CA ASP A 139 11.91 -3.86 1.22
C ASP A 139 12.87 -5.00 0.88
N GLU A 140 12.40 -6.06 0.19
CA GLU A 140 13.26 -7.15 -0.35
C GLU A 140 14.12 -6.68 -1.53
N GLN A 141 13.85 -5.53 -2.15
CA GLN A 141 14.53 -5.05 -3.40
C GLN A 141 15.69 -4.11 -3.07
N VAL A 142 15.81 -3.76 -1.78
CA VAL A 142 16.90 -2.92 -1.21
C VAL A 142 18.15 -3.78 -1.03
N VAL A 143 19.23 -3.42 -1.71
CA VAL A 143 20.57 -4.07 -1.62
C VAL A 143 21.36 -3.42 -0.47
N SER A 144 21.29 -2.10 -0.32
CA SER A 144 21.90 -1.39 0.82
C SER A 144 21.20 -0.05 1.09
N MET A 145 21.60 0.56 2.19
CA MET A 145 21.06 1.83 2.69
C MET A 145 22.08 2.47 3.64
N LYS A 146 22.02 3.80 3.74
CA LYS A 146 22.62 4.60 4.83
C LYS A 146 21.49 5.10 5.73
N LEU A 147 21.79 5.24 7.01
CA LEU A 147 20.80 5.46 8.09
C LEU A 147 21.46 6.33 9.17
N VAL A 148 20.96 7.54 9.43
CA VAL A 148 21.50 8.42 10.52
C VAL A 148 20.81 8.02 11.83
N THR A 149 21.55 7.47 12.80
CA THR A 149 20.99 6.99 14.09
C THR A 149 21.34 7.98 15.18
N PRO A 150 20.43 8.26 16.14
CA PRO A 150 20.73 9.04 17.35
C PRO A 150 21.85 8.56 18.27
N ALA A 151 22.34 7.31 18.14
CA ALA A 151 23.38 6.72 19.02
C ALA A 151 24.73 6.61 18.28
N LYS A 152 24.76 6.30 16.98
CA LYS A 152 26.01 5.88 16.28
C LYS A 152 26.30 6.76 15.07
N GLY A 153 25.55 7.85 14.90
CA GLY A 153 25.57 8.66 13.66
C GLY A 153 25.23 7.82 12.45
N THR A 154 25.83 8.15 11.30
CA THR A 154 25.56 7.63 9.94
C THR A 154 26.19 6.26 9.78
N ILE A 155 25.39 5.19 9.77
CA ILE A 155 25.87 3.79 9.58
C ILE A 155 25.39 3.26 8.23
N GLU A 156 26.10 2.24 7.74
CA GLU A 156 25.87 1.62 6.42
C GLU A 156 25.48 0.15 6.64
N LEU A 157 24.44 -0.31 5.93
CA LEU A 157 23.82 -1.65 6.10
C LEU A 157 23.58 -2.27 4.73
N SER A 158 23.81 -3.58 4.65
CA SER A 158 23.64 -4.43 3.44
C SER A 158 23.63 -5.89 3.87
N GLU A 159 23.58 -6.84 2.92
CA GLU A 159 23.74 -8.28 3.27
C GLU A 159 25.15 -8.46 3.84
N GLU A 160 26.13 -7.72 3.35
CA GLU A 160 27.55 -7.79 3.81
C GLU A 160 27.73 -7.11 5.16
N LYS A 161 26.98 -6.04 5.46
CA LYS A 161 27.24 -5.17 6.63
C LYS A 161 26.08 -5.25 7.63
N ASP A 162 26.31 -5.95 8.73
CA ASP A 162 25.34 -6.26 9.80
C ASP A 162 24.02 -6.69 9.16
N PRO A 163 24.04 -7.76 8.32
CA PRO A 163 22.84 -8.23 7.63
C PRO A 163 21.58 -8.29 8.51
N GLU A 164 21.71 -8.67 9.79
CA GLU A 164 20.55 -8.78 10.70
C GLU A 164 19.92 -7.38 10.91
N LEU A 165 20.73 -6.35 11.23
CA LEU A 165 20.23 -4.97 11.45
C LEU A 165 19.65 -4.42 10.15
N PHE A 166 20.30 -4.70 9.01
CA PHE A 166 19.90 -4.31 7.65
C PHE A 166 18.45 -4.69 7.40
N ARG A 167 18.13 -5.96 7.68
CA ARG A 167 16.81 -6.55 7.39
CA ARG A 167 16.81 -6.55 7.39
C ARG A 167 15.77 -5.96 8.36
N LEU A 168 16.19 -5.62 9.56
CA LEU A 168 15.32 -4.94 10.57
C LEU A 168 15.07 -3.49 10.13
N ALA A 169 16.13 -2.80 9.68
CA ALA A 169 16.20 -1.33 9.57
C ALA A 169 15.44 -0.89 8.32
N ARG A 170 15.73 -1.54 7.20
CA ARG A 170 15.19 -1.19 5.86
C ARG A 170 13.65 -1.22 5.90
N CYS A 171 13.04 -1.90 6.86
CA CYS A 171 11.57 -1.92 7.05
C CYS A 171 11.31 -1.53 8.50
N GLY A 172 11.83 -0.36 8.90
CA GLY A 172 12.01 0.10 10.29
C GLY A 172 10.90 1.00 10.83
N LEU A 173 9.91 1.41 10.03
CA LEU A 173 8.79 2.28 10.45
C LEU A 173 9.33 3.61 11.01
N GLY A 174 10.48 4.06 10.51
CA GLY A 174 11.18 5.29 10.96
C GLY A 174 11.61 5.26 12.43
N ALA A 175 11.65 4.11 13.10
CA ALA A 175 11.94 4.00 14.55
C ALA A 175 13.42 3.71 14.81
N LEU A 176 14.24 3.50 13.78
CA LEU A 176 15.63 2.98 13.90
C LEU A 176 16.65 3.98 13.35
N GLY A 177 16.17 5.04 12.70
CA GLY A 177 17.08 6.01 12.08
C GLY A 177 16.45 6.69 10.88
N VAL A 178 17.08 7.79 10.46
CA VAL A 178 16.66 8.57 9.28
C VAL A 178 17.45 8.02 8.10
N VAL A 179 16.76 7.35 7.20
CA VAL A 179 17.34 6.85 5.92
C VAL A 179 17.67 8.06 5.06
N THR A 180 18.89 8.08 4.55
CA THR A 180 19.44 9.16 3.70
C THR A 180 19.60 8.66 2.27
N GLU A 181 19.83 7.36 2.13
CA GLU A 181 20.31 6.75 0.86
C GLU A 181 19.87 5.29 0.86
N VAL A 182 19.47 4.80 -0.30
CA VAL A 182 18.96 3.43 -0.55
C VAL A 182 19.50 3.03 -1.92
N THR A 183 19.99 1.80 -2.04
CA THR A 183 20.40 1.18 -3.33
C THR A 183 19.37 0.10 -3.61
N LEU A 184 18.82 0.09 -4.83
CA LEU A 184 17.67 -0.77 -5.16
C LEU A 184 18.04 -1.67 -6.33
N GLN A 185 17.59 -2.91 -6.28
CA GLN A 185 17.78 -3.88 -7.39
C GLN A 185 16.72 -3.58 -8.44
N CYS A 186 17.10 -2.88 -9.50
CA CYS A 186 16.22 -2.57 -10.65
C CYS A 186 16.23 -3.73 -11.64
N VAL A 187 15.43 -3.58 -12.71
CA VAL A 187 15.37 -4.51 -13.86
C VAL A 187 15.30 -3.62 -15.09
N PRO A 188 15.56 -4.18 -16.31
CA PRO A 188 15.41 -3.42 -17.55
C PRO A 188 14.02 -2.79 -17.64
N ARG A 189 13.98 -1.50 -17.98
CA ARG A 189 12.77 -0.79 -18.44
C ARG A 189 12.13 -1.65 -19.54
N HIS A 190 10.80 -1.81 -19.51
CA HIS A 190 10.10 -2.83 -20.32
C HIS A 190 8.63 -2.47 -20.43
N LYS A 191 7.98 -2.87 -21.51
CA LYS A 191 6.54 -2.64 -21.73
C LYS A 191 5.79 -3.85 -21.18
N LEU A 192 4.58 -3.59 -20.67
CA LEU A 192 3.64 -4.62 -20.21
C LEU A 192 2.44 -4.62 -21.14
N LEU A 193 1.91 -5.81 -21.39
CA LEU A 193 0.57 -6.03 -21.97
C LEU A 193 -0.38 -6.32 -20.81
N GLU A 194 -1.37 -5.47 -20.64
CA GLU A 194 -2.37 -5.51 -19.56
C GLU A 194 -3.65 -6.03 -20.17
N HIS A 195 -4.20 -7.09 -19.60
CA HIS A 195 -5.45 -7.72 -20.06
C HIS A 195 -6.45 -7.57 -18.92
N THR A 196 -7.53 -6.82 -19.16
CA THR A 196 -8.66 -6.69 -18.22
C THR A 196 -9.83 -7.50 -18.74
N PHE A 197 -10.45 -8.32 -17.90
CA PHE A 197 -11.65 -9.10 -18.27
C PHE A 197 -12.38 -9.42 -16.99
N VAL A 198 -13.66 -9.74 -17.08
CA VAL A 198 -14.53 -10.06 -15.92
C VAL A 198 -14.74 -11.57 -15.89
N ALA A 199 -14.97 -12.08 -14.68
CA ALA A 199 -15.19 -13.51 -14.40
C ALA A 199 -16.20 -13.61 -13.26
N THR A 200 -16.69 -14.82 -13.05
CA THR A 200 -17.54 -15.23 -11.91
C THR A 200 -16.62 -15.85 -10.86
N MET A 201 -17.06 -16.00 -9.61
CA MET A 201 -16.16 -16.69 -8.65
C MET A 201 -15.79 -18.07 -9.22
N LYS A 202 -16.77 -18.78 -9.78
CA LYS A 202 -16.55 -20.16 -10.27
C LYS A 202 -15.42 -20.13 -11.31
N GLU A 203 -15.51 -19.23 -12.29
CA GLU A 203 -14.51 -19.10 -13.39
C GLU A 203 -13.15 -18.71 -12.80
N VAL A 204 -13.14 -17.84 -11.79
CA VAL A 204 -11.91 -17.42 -11.04
C VAL A 204 -11.24 -18.66 -10.43
N LYS A 205 -11.95 -19.43 -9.59
CA LYS A 205 -11.47 -20.67 -8.93
C LYS A 205 -10.82 -21.62 -9.95
N LYS A 206 -11.50 -21.86 -11.08
CA LYS A 206 -11.06 -22.83 -12.10
C LYS A 206 -9.61 -22.56 -12.51
N ASN A 207 -9.26 -21.29 -12.77
CA ASN A 207 -8.03 -20.91 -13.52
C ASN A 207 -6.95 -20.34 -12.58
N HIS A 208 -7.31 -20.10 -11.32
CA HIS A 208 -6.54 -19.26 -10.36
C HIS A 208 -5.09 -19.75 -10.21
N GLU A 209 -4.92 -21.00 -9.73
CA GLU A 209 -3.61 -21.65 -9.45
C GLU A 209 -2.67 -21.42 -10.64
N LYS A 210 -3.11 -21.69 -11.87
CA LYS A 210 -2.29 -21.55 -13.10
C LYS A 210 -2.09 -20.06 -13.41
N LEU A 211 -3.14 -19.24 -13.26
CA LEU A 211 -3.10 -17.79 -13.59
C LEU A 211 -1.99 -17.10 -12.79
N LEU A 212 -1.96 -17.28 -11.47
CA LEU A 212 -0.93 -16.64 -10.60
C LEU A 212 0.46 -16.96 -11.13
N ARG A 213 0.65 -18.19 -11.61
CA ARG A 213 2.01 -18.75 -11.82
C ARG A 213 2.46 -18.49 -13.25
N GLU A 214 1.53 -18.26 -14.15
CA GLU A 214 1.82 -18.10 -15.60
C GLU A 214 1.82 -16.62 -15.98
N ASN A 215 1.32 -15.72 -15.12
CA ASN A 215 1.25 -14.26 -15.37
C ASN A 215 2.09 -13.51 -14.34
N LYS A 216 2.94 -12.59 -14.83
CA LYS A 216 3.91 -11.84 -14.01
C LYS A 216 3.15 -11.06 -12.91
N HIS A 217 2.09 -10.34 -13.27
CA HIS A 217 1.22 -9.57 -12.32
C HIS A 217 -0.23 -9.99 -12.48
N VAL A 218 -0.89 -10.31 -11.37
CA VAL A 218 -2.35 -10.59 -11.34
C VAL A 218 -2.94 -9.76 -10.22
N ARG A 219 -4.10 -9.18 -10.48
CA ARG A 219 -4.85 -8.35 -9.52
C ARG A 219 -6.30 -8.72 -9.75
N TYR A 220 -7.05 -8.98 -8.68
CA TYR A 220 -8.52 -9.14 -8.73
C TYR A 220 -9.15 -7.96 -7.98
N MET A 221 -10.10 -7.31 -8.63
CA MET A 221 -11.00 -6.28 -8.03
CA MET A 221 -10.96 -6.31 -7.95
C MET A 221 -12.34 -6.97 -7.80
N TRP A 222 -12.68 -7.27 -6.55
CA TRP A 222 -13.95 -7.94 -6.18
C TRP A 222 -15.03 -6.86 -5.98
N ILE A 223 -16.22 -7.11 -6.51
CA ILE A 223 -17.37 -6.17 -6.44
C ILE A 223 -18.44 -6.78 -5.55
N PRO A 224 -18.51 -6.36 -4.26
CA PRO A 224 -19.51 -6.89 -3.34
C PRO A 224 -20.94 -6.84 -3.91
N TYR A 225 -21.79 -7.79 -3.52
CA TYR A 225 -23.23 -7.87 -3.89
C TYR A 225 -23.39 -8.08 -5.40
N THR A 226 -22.37 -8.62 -6.07
CA THR A 226 -22.40 -9.07 -7.49
C THR A 226 -21.55 -10.34 -7.59
N ASP A 227 -21.62 -11.06 -8.70
CA ASP A 227 -20.67 -12.16 -9.04
C ASP A 227 -19.76 -11.68 -10.16
N THR A 228 -19.41 -10.40 -10.16
CA THR A 228 -18.40 -9.87 -11.10
C THR A 228 -17.07 -9.71 -10.35
N VAL A 229 -16.04 -10.39 -10.84
CA VAL A 229 -14.64 -10.18 -10.40
C VAL A 229 -13.91 -9.60 -11.60
N VAL A 230 -13.21 -8.49 -11.43
CA VAL A 230 -12.42 -7.90 -12.53
C VAL A 230 -11.01 -8.46 -12.41
N VAL A 231 -10.53 -9.10 -13.46
CA VAL A 231 -9.17 -9.68 -13.47
C VAL A 231 -8.32 -8.80 -14.37
N VAL A 232 -7.16 -8.44 -13.86
CA VAL A 232 -6.13 -7.65 -14.58
C VAL A 232 -4.82 -8.41 -14.47
N THR A 233 -4.34 -8.91 -15.60
CA THR A 233 -3.02 -9.58 -15.76
C THR A 233 -2.15 -8.60 -16.54
N CYS A 234 -0.87 -8.54 -16.21
CA CYS A 234 0.16 -7.81 -16.97
C CYS A 234 1.35 -8.76 -17.18
N ASN A 235 1.88 -8.82 -18.40
CA ASN A 235 3.05 -9.66 -18.78
C ASN A 235 3.96 -8.85 -19.70
N PRO A 236 5.29 -9.08 -19.68
CA PRO A 236 6.17 -8.40 -20.62
C PRO A 236 5.78 -8.71 -22.06
N LEU A 237 5.95 -7.71 -22.92
CA LEU A 237 5.62 -7.78 -24.36
C LEU A 237 6.85 -8.28 -25.11
N PRO A 238 6.83 -9.51 -25.67
CA PRO A 238 7.90 -9.95 -26.58
C PRO A 238 8.02 -8.91 -27.70
N GLU A 239 9.22 -8.33 -27.89
CA GLU A 239 9.48 -7.04 -28.59
C GLU A 239 8.77 -6.96 -29.96
N GLY A 240 7.95 -5.93 -30.17
CA GLY A 240 7.13 -5.75 -31.36
C GLY A 240 6.04 -6.81 -31.48
N LYS A 241 5.26 -7.06 -30.42
CA LYS A 241 4.00 -7.87 -30.43
C LYS A 241 2.80 -6.90 -30.35
N LYS A 242 1.57 -7.39 -30.53
CA LYS A 242 0.38 -6.54 -30.83
C LYS A 242 -0.62 -6.51 -29.66
N ALA A 243 -1.78 -7.15 -29.81
CA ALA A 243 -2.87 -7.19 -28.78
C ALA A 243 -3.84 -8.31 -29.13
N PRO A 248 -16.67 -7.43 -27.94
CA PRO A 248 -17.27 -6.12 -28.26
C PRO A 248 -16.37 -4.94 -27.84
N GLN A 249 -16.56 -3.75 -28.44
CA GLN A 249 -15.75 -2.52 -28.18
C GLN A 249 -16.69 -1.31 -28.00
N TYR A 250 -16.87 -0.88 -26.74
CA TYR A 250 -17.78 0.20 -26.27
C TYR A 250 -17.03 1.53 -26.15
N SER A 251 -17.65 2.60 -26.63
CA SER A 251 -17.27 4.01 -26.36
C SER A 251 -17.18 4.25 -24.86
N GLU A 252 -16.45 5.31 -24.50
CA GLU A 252 -16.42 5.86 -23.12
C GLU A 252 -17.85 6.14 -22.65
N ASP A 253 -18.67 6.75 -23.50
CA ASP A 253 -20.04 7.18 -23.13
C ASP A 253 -20.87 5.96 -22.81
N GLU A 254 -20.69 4.89 -23.59
CA GLU A 254 -21.45 3.63 -23.35
C GLU A 254 -20.87 2.94 -22.09
N LYS A 255 -19.57 2.99 -21.86
CA LYS A 255 -18.99 2.37 -20.63
C LYS A 255 -19.59 3.03 -19.39
N LEU A 256 -19.71 4.36 -19.39
CA LEU A 256 -20.14 5.14 -18.21
C LEU A 256 -21.66 5.16 -18.08
N GLN A 257 -22.38 4.70 -19.11
CA GLN A 257 -23.87 4.80 -19.20
C GLN A 257 -24.54 4.18 -17.95
N PRO A 258 -24.23 2.96 -17.46
CA PRO A 258 -24.97 2.43 -16.31
C PRO A 258 -24.89 3.35 -15.06
N LEU A 259 -23.76 4.05 -14.92
CA LEU A 259 -23.49 4.94 -13.76
C LEU A 259 -24.20 6.28 -13.93
N ARG A 260 -24.08 6.92 -15.10
CA ARG A 260 -24.86 8.15 -15.41
C ARG A 260 -26.37 7.89 -15.27
N ASN A 261 -26.89 6.81 -15.86
CA ASN A 261 -28.34 6.49 -15.73
C ASN A 261 -28.70 6.36 -14.25
N LEU A 262 -27.88 5.72 -13.44
CA LEU A 262 -28.22 5.46 -12.01
C LEU A 262 -28.17 6.77 -11.19
N LEU A 263 -27.32 7.71 -11.59
CA LEU A 263 -27.17 9.01 -10.91
C LEU A 263 -28.39 9.87 -11.24
N ARG A 264 -28.68 10.06 -12.53
CA ARG A 264 -29.92 10.68 -13.05
C ARG A 264 -31.09 9.76 -12.69
N GLU A 265 -31.52 9.78 -11.42
CA GLU A 265 -32.62 8.90 -10.92
C GLU A 265 -32.94 9.23 -9.45
N SER A 281 -32.12 14.91 -17.42
CA SER A 281 -33.32 14.26 -18.00
C SER A 281 -32.91 12.92 -18.65
N GLU A 282 -33.27 12.69 -19.92
CA GLU A 282 -32.74 11.58 -20.75
C GLU A 282 -31.22 11.70 -20.85
N THR A 283 -30.70 12.93 -21.01
CA THR A 283 -29.26 13.27 -21.17
C THR A 283 -28.63 13.49 -19.78
N SER A 284 -27.41 14.04 -19.72
CA SER A 284 -26.69 14.41 -18.46
C SER A 284 -25.66 15.51 -18.72
N PRO A 285 -25.80 16.73 -18.12
CA PRO A 285 -24.76 17.76 -18.15
C PRO A 285 -24.01 17.90 -16.81
N GLU A 286 -22.84 18.58 -16.82
CA GLU A 286 -21.93 18.75 -15.65
C GLU A 286 -21.37 17.38 -15.25
N VAL A 287 -22.25 16.40 -15.09
CA VAL A 287 -21.97 14.95 -14.89
C VAL A 287 -20.99 14.44 -15.95
N SER A 288 -21.13 14.85 -17.21
CA SER A 288 -20.38 14.29 -18.36
C SER A 288 -18.87 14.58 -18.24
N GLY A 289 -18.46 15.55 -17.42
CA GLY A 289 -17.02 15.78 -17.13
C GLY A 289 -16.46 14.81 -16.10
N LEU A 290 -17.34 14.23 -15.27
CA LEU A 290 -16.97 13.27 -14.21
C LEU A 290 -16.38 12.00 -14.83
N SER A 291 -15.16 11.63 -14.42
CA SER A 291 -14.51 10.33 -14.66
C SER A 291 -15.33 9.20 -14.02
N PHE A 292 -14.97 7.96 -14.33
CA PHE A 292 -15.54 6.74 -13.71
C PHE A 292 -15.50 6.86 -12.17
N THR A 293 -14.35 7.17 -11.56
CA THR A 293 -14.19 7.21 -10.07
C THR A 293 -14.92 8.43 -9.47
N GLU A 294 -15.05 9.54 -10.21
CA GLU A 294 -15.83 10.70 -9.73
C GLU A 294 -17.34 10.37 -9.72
N LEU A 295 -17.82 9.61 -10.70
CA LEU A 295 -19.22 9.13 -10.78
C LEU A 295 -19.47 8.20 -9.59
N ARG A 296 -18.59 7.24 -9.33
CA ARG A 296 -18.78 6.34 -8.17
C ARG A 296 -18.92 7.18 -6.91
N ASP A 297 -18.05 8.17 -6.75
CA ASP A 297 -18.08 9.08 -5.57
C ASP A 297 -19.45 9.79 -5.50
N ALA A 298 -19.91 10.40 -6.59
CA ALA A 298 -21.18 11.16 -6.62
C ALA A 298 -22.35 10.23 -6.32
N LEU A 299 -22.24 8.97 -6.73
CA LEU A 299 -23.31 7.97 -6.53
C LEU A 299 -23.35 7.58 -5.05
N LEU A 300 -22.21 7.26 -4.45
CA LEU A 300 -22.12 6.90 -3.02
C LEU A 300 -22.46 8.10 -2.13
N ALA A 301 -22.11 9.32 -2.54
CA ALA A 301 -22.44 10.56 -1.80
C ALA A 301 -23.95 10.63 -1.51
N VAL A 302 -24.76 10.08 -2.41
CA VAL A 302 -26.25 10.10 -2.35
C VAL A 302 -26.77 9.40 -1.09
N ASP A 303 -26.26 8.21 -0.73
CA ASP A 303 -26.69 7.47 0.48
C ASP A 303 -25.60 6.46 0.90
N PRO A 304 -24.42 6.95 1.32
CA PRO A 304 -23.22 6.13 1.45
C PRO A 304 -23.41 4.83 2.22
N LEU A 305 -24.22 4.84 3.29
CA LEU A 305 -24.33 3.72 4.27
C LEU A 305 -25.65 2.96 4.11
N ASP A 306 -26.43 3.26 3.07
CA ASP A 306 -27.61 2.45 2.70
C ASP A 306 -27.15 1.31 1.80
N THR A 307 -27.27 0.07 2.28
CA THR A 307 -26.78 -1.15 1.60
C THR A 307 -27.52 -1.34 0.28
N GLU A 308 -28.84 -1.21 0.28
CA GLU A 308 -29.66 -1.41 -0.93
C GLU A 308 -29.16 -0.46 -2.02
N TRP A 309 -28.84 0.78 -1.67
CA TRP A 309 -28.33 1.78 -2.64
C TRP A 309 -26.92 1.37 -3.13
N VAL A 310 -26.06 0.97 -2.21
CA VAL A 310 -24.67 0.49 -2.52
C VAL A 310 -24.74 -0.75 -3.41
N LYS A 311 -25.67 -1.68 -3.16
CA LYS A 311 -25.91 -2.81 -4.09
C LYS A 311 -26.13 -2.28 -5.50
N ARG A 312 -26.95 -1.24 -5.65
CA ARG A 312 -27.29 -0.63 -6.97
C ARG A 312 -26.03 0.01 -7.59
N VAL A 313 -25.19 0.67 -6.78
CA VAL A 313 -23.96 1.36 -7.28
C VAL A 313 -22.97 0.27 -7.75
N ASN A 314 -22.81 -0.81 -6.98
CA ASN A 314 -21.81 -1.88 -7.28
C ASN A 314 -22.23 -2.59 -8.57
N GLN A 315 -23.53 -2.78 -8.77
CA GLN A 315 -24.12 -3.43 -9.99
C GLN A 315 -23.82 -2.57 -11.22
N ALA A 316 -24.09 -1.27 -11.14
CA ALA A 316 -23.75 -0.29 -12.19
C ALA A 316 -22.24 -0.31 -12.50
N GLU A 317 -21.39 -0.47 -11.48
CA GLU A 317 -19.92 -0.53 -11.64
C GLU A 317 -19.55 -1.86 -12.31
N ALA A 318 -20.12 -2.97 -11.89
CA ALA A 318 -19.92 -4.27 -12.58
C ALA A 318 -20.17 -4.12 -14.10
N GLU A 319 -21.28 -3.47 -14.48
CA GLU A 319 -21.67 -3.27 -15.89
C GLU A 319 -20.58 -2.48 -16.61
N PHE A 320 -20.01 -1.47 -15.93
CA PHE A 320 -18.93 -0.61 -16.47
C PHE A 320 -17.72 -1.49 -16.81
N TRP A 321 -17.35 -2.38 -15.89
CA TRP A 321 -16.14 -3.22 -16.03
C TRP A 321 -16.37 -4.25 -17.14
N LYS A 322 -17.56 -4.87 -17.16
CA LYS A 322 -18.03 -5.76 -18.27
C LYS A 322 -17.88 -5.08 -19.63
N ARG A 323 -18.05 -3.77 -19.70
CA ARG A 323 -17.92 -3.00 -20.96
C ARG A 323 -16.50 -2.46 -21.16
N SER A 324 -15.57 -2.82 -20.28
CA SER A 324 -14.17 -2.31 -20.27
C SER A 324 -13.15 -3.44 -20.52
N GLU A 325 -13.59 -4.65 -20.92
CA GLU A 325 -12.68 -5.78 -21.30
C GLU A 325 -11.73 -5.33 -22.42
N GLY A 326 -10.50 -5.84 -22.44
CA GLY A 326 -9.51 -5.53 -23.50
C GLY A 326 -8.09 -5.33 -22.97
N TYR A 327 -7.25 -4.71 -23.80
CA TYR A 327 -5.78 -4.71 -23.70
C TYR A 327 -5.25 -3.28 -23.76
N ARG A 328 -4.15 -3.05 -23.06
CA ARG A 328 -3.39 -1.77 -23.06
C ARG A 328 -1.92 -2.14 -23.11
N VAL A 329 -1.11 -1.31 -23.74
CA VAL A 329 0.37 -1.47 -23.75
C VAL A 329 0.99 -0.18 -23.23
N GLY A 330 1.94 -0.28 -22.31
CA GLY A 330 2.72 0.89 -21.84
C GLY A 330 3.91 0.44 -21.03
N TRP A 331 4.83 1.36 -20.75
CA TRP A 331 5.95 1.11 -19.81
C TRP A 331 5.36 0.62 -18.49
N SER A 332 6.06 -0.26 -17.77
CA SER A 332 5.53 -0.94 -16.56
C SER A 332 5.06 0.11 -15.56
N ASP A 333 5.80 1.21 -15.40
CA ASP A 333 5.50 2.27 -14.41
C ASP A 333 4.15 2.90 -14.74
N GLU A 334 3.76 3.01 -16.01
CA GLU A 334 2.47 3.62 -16.44
C GLU A 334 1.33 2.63 -16.23
N ILE A 335 1.57 1.36 -16.57
CA ILE A 335 0.58 0.24 -16.51
C ILE A 335 0.29 -0.15 -15.07
N LEU A 336 1.30 -0.22 -14.22
CA LEU A 336 1.12 -0.81 -12.87
C LEU A 336 0.44 0.19 -11.92
N GLY A 337 0.32 1.48 -12.26
CA GLY A 337 -0.52 2.45 -11.51
C GLY A 337 -2.01 2.22 -11.72
N PHE A 338 -2.84 2.60 -10.75
CA PHE A 338 -4.32 2.44 -10.74
C PHE A 338 -4.97 3.73 -10.21
N ASP A 339 -6.13 4.11 -10.75
CA ASP A 339 -6.92 5.27 -10.26
C ASP A 339 -7.67 4.80 -8.99
N CYS A 340 -7.20 5.23 -7.81
CA CYS A 340 -7.66 4.74 -6.49
C CYS A 340 -8.95 5.46 -6.08
N GLY A 341 -9.31 6.49 -6.86
CA GLY A 341 -10.57 7.23 -6.67
C GLY A 341 -10.41 8.33 -5.62
N GLY A 342 -11.52 8.65 -4.94
CA GLY A 342 -11.59 9.79 -4.03
C GLY A 342 -11.04 9.43 -2.67
N GLN A 343 -11.15 10.36 -1.73
CA GLN A 343 -10.64 10.15 -0.36
C GLN A 343 -11.36 8.92 0.18
N GLN A 344 -10.76 8.22 1.14
CA GLN A 344 -11.20 6.85 1.48
C GLN A 344 -10.58 6.42 2.81
N TRP A 345 -11.22 5.44 3.46
CA TRP A 345 -10.64 4.56 4.49
C TRP A 345 -10.22 3.27 3.81
N VAL A 346 -9.00 2.79 4.09
CA VAL A 346 -8.51 1.49 3.57
C VAL A 346 -8.00 0.64 4.72
N SER A 347 -8.12 -0.67 4.56
CA SER A 347 -7.47 -1.67 5.42
C SER A 347 -6.92 -2.73 4.47
N GLU A 348 -5.67 -3.12 4.65
CA GLU A 348 -5.05 -4.17 3.80
C GLU A 348 -4.28 -5.14 4.69
N VAL A 349 -4.52 -6.43 4.55
CA VAL A 349 -3.81 -7.47 5.35
C VAL A 349 -3.06 -8.36 4.38
N ALA A 350 -1.89 -8.88 4.79
CA ALA A 350 -1.12 -9.92 4.08
C ALA A 350 -1.32 -11.21 4.87
N PHE A 351 -1.54 -12.34 4.20
CA PHE A 351 -1.69 -13.67 4.85
C PHE A 351 -1.10 -14.71 3.91
N PRO A 352 -0.51 -15.78 4.49
CA PRO A 352 0.19 -16.80 3.69
C PRO A 352 -0.82 -17.58 2.85
N ALA A 353 -0.45 -17.83 1.60
CA ALA A 353 -1.19 -18.65 0.62
C ALA A 353 -0.19 -19.62 -0.04
N GLY A 354 0.52 -20.38 0.80
CA GLY A 354 1.40 -21.48 0.36
C GLY A 354 2.65 -20.96 -0.30
N THR A 355 3.14 -21.68 -1.30
CA THR A 355 4.42 -21.40 -2.01
C THR A 355 4.20 -21.62 -3.49
N LEU A 356 5.19 -21.31 -4.31
CA LEU A 356 5.10 -21.54 -5.76
C LEU A 356 4.70 -23.00 -5.99
N GLU A 357 5.41 -23.95 -5.37
CA GLU A 357 5.30 -25.40 -5.69
C GLU A 357 4.13 -26.05 -4.94
N LYS A 358 3.70 -25.57 -3.77
CA LYS A 358 2.56 -26.16 -3.00
C LYS A 358 1.44 -25.12 -2.84
N PRO A 359 0.56 -24.99 -3.86
CA PRO A 359 -0.58 -24.07 -3.78
C PRO A 359 -1.48 -24.22 -2.56
N SER A 360 -2.14 -23.13 -2.19
CA SER A 360 -3.11 -23.01 -1.07
C SER A 360 -4.41 -22.38 -1.60
N ALA A 361 -5.56 -22.88 -1.16
CA ALA A 361 -6.87 -22.36 -1.59
C ALA A 361 -7.24 -21.20 -0.67
N ALA A 362 -6.34 -20.83 0.26
CA ALA A 362 -6.60 -19.86 1.36
C ALA A 362 -6.93 -18.47 0.78
N ASP A 363 -6.25 -18.03 -0.27
CA ASP A 363 -6.53 -16.70 -0.86
C ASP A 363 -8.00 -16.66 -1.33
N LEU A 364 -8.49 -17.70 -2.00
CA LEU A 364 -9.87 -17.69 -2.54
C LEU A 364 -10.89 -17.96 -1.43
N GLU A 365 -10.53 -18.79 -0.44
CA GLU A 365 -11.36 -19.07 0.76
C GLU A 365 -11.57 -17.81 1.58
N TYR A 366 -10.52 -16.99 1.72
CA TYR A 366 -10.60 -15.69 2.45
C TYR A 366 -11.71 -14.85 1.83
N MET A 367 -11.72 -14.77 0.50
CA MET A 367 -12.64 -13.89 -0.26
C MET A 367 -14.07 -14.44 -0.18
N GLU A 368 -14.25 -15.76 -0.28
CA GLU A 368 -15.56 -16.44 -0.11
C GLU A 368 -16.18 -16.00 1.21
N GLU A 369 -15.45 -16.21 2.31
CA GLU A 369 -15.86 -15.84 3.69
C GLU A 369 -16.12 -14.33 3.78
N LEU A 370 -15.22 -13.50 3.24
CA LEU A 370 -15.35 -12.02 3.30
C LEU A 370 -16.66 -11.62 2.62
N MET A 371 -16.95 -12.17 1.45
CA MET A 371 -18.21 -11.87 0.74
C MET A 371 -19.39 -12.41 1.57
N ARG A 372 -19.30 -13.65 2.04
CA ARG A 372 -20.37 -14.25 2.88
C ARG A 372 -20.60 -13.31 4.07
N LEU A 373 -19.53 -12.84 4.70
CA LEU A 373 -19.56 -11.97 5.90
C LEU A 373 -20.28 -10.66 5.58
N ILE A 374 -19.96 -10.05 4.42
CA ILE A 374 -20.49 -8.71 4.03
C ILE A 374 -22.01 -8.80 3.84
N ASN A 375 -22.50 -9.85 3.18
CA ASN A 375 -23.96 -10.11 3.03
C ASN A 375 -24.57 -10.37 4.41
N LYS A 376 -24.00 -11.32 5.16
CA LYS A 376 -24.49 -11.73 6.50
C LYS A 376 -24.80 -10.48 7.34
N GLU A 377 -24.02 -9.40 7.24
CA GLU A 377 -24.08 -8.28 8.20
C GLU A 377 -24.62 -7.00 7.54
N GLY A 378 -25.08 -7.07 6.29
CA GLY A 378 -25.61 -5.91 5.56
C GLY A 378 -24.64 -4.72 5.53
N ILE A 379 -23.35 -4.98 5.33
CA ILE A 379 -22.27 -3.95 5.27
C ILE A 379 -22.42 -3.17 3.98
N PRO A 380 -22.52 -1.82 4.06
CA PRO A 380 -22.62 -0.99 2.86
C PRO A 380 -21.25 -0.83 2.17
N ALA A 381 -20.63 -1.97 1.80
CA ALA A 381 -19.23 -2.08 1.30
C ALA A 381 -19.19 -1.75 -0.19
N PRO A 382 -18.53 -0.65 -0.61
CA PRO A 382 -18.40 -0.36 -2.03
C PRO A 382 -17.23 -1.15 -2.60
N ALA A 383 -16.95 -0.94 -3.88
CA ALA A 383 -15.92 -1.65 -4.66
C ALA A 383 -14.78 -0.68 -4.91
N PRO A 384 -13.56 -1.20 -5.15
CA PRO A 384 -13.30 -2.64 -5.12
C PRO A 384 -12.71 -3.14 -3.80
N ILE A 385 -12.92 -4.42 -3.51
CA ILE A 385 -12.00 -5.15 -2.59
C ILE A 385 -10.85 -5.65 -3.46
N GLU A 386 -9.68 -5.08 -3.28
CA GLU A 386 -8.51 -5.33 -4.13
C GLU A 386 -7.75 -6.54 -3.57
N GLN A 387 -7.34 -7.46 -4.42
CA GLN A 387 -6.61 -8.66 -4.00
C GLN A 387 -5.37 -8.76 -4.87
N ARG A 388 -4.22 -8.77 -4.21
CA ARG A 388 -2.91 -8.84 -4.89
C ARG A 388 -2.10 -9.97 -4.25
N TRP A 389 -0.92 -10.22 -4.80
CA TRP A 389 -0.01 -11.30 -4.38
C TRP A 389 1.40 -10.75 -4.40
N THR A 390 2.20 -11.14 -3.43
CA THR A 390 3.67 -10.91 -3.41
C THR A 390 4.35 -12.22 -3.03
N ALA A 391 5.60 -12.38 -3.48
CA ALA A 391 6.57 -13.32 -2.90
C ALA A 391 6.79 -12.88 -1.45
N GLY A 392 7.39 -13.74 -0.62
CA GLY A 392 7.67 -13.45 0.80
C GLY A 392 8.79 -12.46 0.92
N SER A 393 8.97 -11.88 2.11
CA SER A 393 10.11 -11.01 2.43
C SER A 393 10.98 -11.62 3.54
N SER A 394 12.29 -11.36 3.52
CA SER A 394 13.21 -11.76 4.61
C SER A 394 13.21 -10.69 5.71
N SER A 395 12.63 -9.50 5.47
CA SER A 395 12.55 -8.40 6.47
C SER A 395 11.64 -8.87 7.61
N PRO A 396 12.13 -9.01 8.87
CA PRO A 396 11.28 -9.53 9.94
C PRO A 396 9.99 -8.76 10.20
N MET A 397 9.96 -7.45 9.93
CA MET A 397 8.77 -6.60 10.21
C MET A 397 7.81 -6.60 9.01
N SER A 398 8.16 -7.22 7.88
CA SER A 398 7.24 -7.34 6.71
C SER A 398 5.99 -8.13 7.09
N PRO A 399 4.79 -7.58 6.84
CA PRO A 399 3.56 -8.36 6.92
C PRO A 399 3.55 -9.70 6.17
N ALA A 400 4.46 -9.83 5.20
CA ALA A 400 4.72 -11.00 4.35
C ALA A 400 6.08 -11.60 4.70
N TYR A 401 6.56 -11.43 5.94
CA TYR A 401 7.84 -12.05 6.35
C TYR A 401 7.69 -13.56 6.16
N SER A 402 8.67 -14.21 5.54
CA SER A 402 8.74 -15.70 5.53
C SER A 402 10.20 -16.13 5.48
N PRO A 403 10.53 -17.27 6.13
CA PRO A 403 11.84 -17.87 5.98
C PRO A 403 12.07 -18.46 4.58
N SER A 404 11.00 -18.80 3.85
CA SER A 404 11.13 -19.41 2.49
C SER A 404 10.97 -18.33 1.42
N PRO A 405 11.89 -18.23 0.44
CA PRO A 405 11.83 -17.14 -0.52
C PRO A 405 10.68 -17.32 -1.54
N ASP A 406 10.27 -18.56 -1.81
CA ASP A 406 9.19 -18.85 -2.80
C ASP A 406 7.85 -19.06 -2.11
N SER A 407 7.68 -18.57 -0.89
CA SER A 407 6.34 -18.36 -0.30
C SER A 407 5.57 -17.30 -1.10
N VAL A 408 4.26 -17.37 -0.97
CA VAL A 408 3.30 -16.51 -1.69
C VAL A 408 2.38 -15.97 -0.59
N PHE A 409 2.18 -14.66 -0.59
CA PHE A 409 1.20 -13.96 0.27
C PHE A 409 0.15 -13.32 -0.63
N SER A 410 -1.12 -13.48 -0.27
CA SER A 410 -2.23 -12.70 -0.82
C SER A 410 -2.38 -11.48 0.09
N TRP A 411 -2.64 -10.34 -0.51
CA TRP A 411 -3.03 -9.09 0.20
C TRP A 411 -4.45 -8.69 -0.20
N VAL A 412 -5.29 -8.41 0.78
CA VAL A 412 -6.72 -8.07 0.54
C VAL A 412 -7.01 -6.72 1.19
N GLY A 413 -7.44 -5.77 0.34
CA GLY A 413 -7.76 -4.39 0.74
C GLY A 413 -9.26 -4.14 0.70
N ILE A 414 -9.86 -3.78 1.84
CA ILE A 414 -11.27 -3.30 1.94
C ILE A 414 -11.23 -1.77 1.97
N ILE A 415 -12.37 -1.14 1.63
CA ILE A 415 -12.46 0.31 1.26
C ILE A 415 -13.88 0.79 1.55
N MET A 416 -13.96 2.00 2.09
CA MET A 416 -15.15 2.85 2.11
C MET A 416 -14.66 4.25 1.71
N TYR A 417 -15.40 4.88 0.80
CA TYR A 417 -15.11 6.21 0.24
C TYR A 417 -15.69 7.25 1.19
N LEU A 418 -15.07 8.42 1.22
CA LEU A 418 -15.57 9.66 1.86
C LEU A 418 -15.84 10.67 0.75
N PRO A 419 -16.98 10.56 0.04
CA PRO A 419 -17.17 11.27 -1.24
C PRO A 419 -17.41 12.78 -1.16
N THR A 420 -17.60 13.31 0.05
CA THR A 420 -17.76 14.76 0.33
C THR A 420 -16.87 15.14 1.52
N GLU A 421 -16.90 16.42 1.90
CA GLU A 421 -16.24 16.95 3.13
C GLU A 421 -17.30 17.35 4.15
N ASP A 422 -18.53 16.81 4.04
CA ASP A 422 -19.56 16.91 5.10
C ASP A 422 -19.01 16.22 6.34
N GLU A 423 -18.68 17.00 7.36
CA GLU A 423 -18.02 16.53 8.61
C GLU A 423 -18.86 15.40 9.22
N GLU A 424 -20.19 15.53 9.18
CA GLU A 424 -21.13 14.57 9.82
C GLU A 424 -21.16 13.27 8.98
N GLN A 425 -21.21 13.39 7.65
CA GLN A 425 -21.21 12.24 6.72
C GLN A 425 -19.89 11.48 6.87
N ARG A 426 -18.77 12.19 7.00
CA ARG A 426 -17.43 11.57 7.17
C ARG A 426 -17.37 10.83 8.50
N LYS A 427 -18.01 11.36 9.55
CA LYS A 427 -18.01 10.73 10.89
C LYS A 427 -18.77 9.39 10.85
N ALA A 428 -19.95 9.38 10.23
CA ALA A 428 -20.79 8.16 10.07
C ALA A 428 -19.99 7.10 9.32
N ILE A 429 -19.38 7.44 8.18
CA ILE A 429 -18.58 6.51 7.34
C ILE A 429 -17.37 6.01 8.15
N THR A 430 -16.70 6.90 8.89
CA THR A 430 -15.53 6.53 9.73
C THR A 430 -15.94 5.38 10.66
N GLU A 431 -17.09 5.53 11.31
CA GLU A 431 -17.68 4.54 12.24
C GLU A 431 -18.08 3.28 11.46
N ALA A 432 -18.78 3.47 10.33
CA ALA A 432 -19.20 2.35 9.46
C ALA A 432 -17.97 1.48 9.15
N PHE A 433 -16.87 2.11 8.72
CA PHE A 433 -15.63 1.41 8.29
C PHE A 433 -14.98 0.72 9.50
N ARG A 434 -14.90 1.42 10.63
CA ARG A 434 -14.36 0.87 11.90
C ARG A 434 -15.02 -0.49 12.16
N GLN A 435 -16.34 -0.59 11.97
CA GLN A 435 -17.10 -1.84 12.24
C GLN A 435 -16.83 -2.88 11.17
N TYR A 436 -16.70 -2.47 9.91
CA TYR A 436 -16.36 -3.34 8.75
C TYR A 436 -15.00 -4.00 9.00
N ARG A 437 -13.98 -3.19 9.31
CA ARG A 437 -12.62 -3.70 9.61
C ARG A 437 -12.70 -4.57 10.87
N LYS A 438 -13.44 -4.12 11.89
CA LYS A 438 -13.61 -4.85 13.18
C LYS A 438 -14.20 -6.25 12.90
N LEU A 439 -15.12 -6.40 11.95
CA LEU A 439 -15.74 -7.73 11.63
C LEU A 439 -14.74 -8.65 10.92
N CYS A 440 -13.81 -8.11 10.14
CA CYS A 440 -12.73 -8.88 9.48
C CYS A 440 -11.70 -9.31 10.53
N GLU A 441 -11.37 -8.41 11.47
CA GLU A 441 -10.45 -8.69 12.59
C GLU A 441 -10.96 -9.93 13.35
N THR A 442 -12.14 -9.83 13.95
CA THR A 442 -12.72 -10.88 14.85
C THR A 442 -12.87 -12.21 14.09
N ARG A 443 -13.42 -12.20 12.87
CA ARG A 443 -13.84 -13.45 12.16
C ARG A 443 -12.74 -14.04 11.25
N LEU A 444 -11.82 -13.26 10.68
CA LEU A 444 -10.96 -13.76 9.57
C LEU A 444 -9.48 -13.74 9.92
N TRP A 445 -8.97 -12.66 10.50
CA TRP A 445 -7.51 -12.37 10.49
C TRP A 445 -6.74 -13.44 11.29
N ASP A 446 -7.16 -13.72 12.52
CA ASP A 446 -6.50 -14.76 13.37
C ASP A 446 -6.53 -16.08 12.61
N LYS A 447 -7.69 -16.46 12.11
CA LYS A 447 -7.92 -17.75 11.42
C LYS A 447 -6.92 -17.89 10.27
N TYR A 448 -6.70 -16.80 9.53
CA TYR A 448 -5.90 -16.82 8.28
C TYR A 448 -4.46 -16.37 8.51
N GLY A 449 -4.10 -15.92 9.72
CA GLY A 449 -2.75 -15.41 10.05
C GLY A 449 -2.47 -14.11 9.33
N ALA A 450 -3.47 -13.24 9.24
CA ALA A 450 -3.41 -11.98 8.47
C ALA A 450 -2.70 -10.91 9.30
N ALA A 451 -1.73 -10.21 8.71
CA ALA A 451 -1.05 -9.04 9.31
C ALA A 451 -1.41 -7.77 8.52
N GLU A 452 -1.67 -6.68 9.25
CA GLU A 452 -2.01 -5.34 8.71
C GLU A 452 -0.77 -4.65 8.12
N HIS A 453 -0.94 -4.13 6.91
CA HIS A 453 -0.07 -3.10 6.29
C HIS A 453 0.21 -2.03 7.33
N TRP A 454 1.49 -1.71 7.53
CA TRP A 454 1.94 -0.73 8.55
C TRP A 454 1.37 0.69 8.30
N ALA A 455 1.11 1.08 7.06
CA ALA A 455 0.56 2.41 6.69
C ALA A 455 -0.95 2.44 6.88
N LYS A 456 -1.60 1.32 7.21
CA LYS A 456 -3.08 1.25 7.23
C LYS A 456 -3.58 0.82 8.61
N ILE A 457 -2.73 0.32 9.49
CA ILE A 457 -3.11 -0.11 10.86
C ILE A 457 -3.47 1.12 11.70
N GLU A 458 -4.61 1.10 12.36
CA GLU A 458 -5.07 2.14 13.33
C GLU A 458 -4.98 1.56 14.75
N VAL A 459 -4.79 2.44 15.71
CA VAL A 459 -4.60 2.11 17.15
C VAL A 459 -5.96 2.22 17.84
N PRO A 460 -6.50 1.14 18.41
CA PRO A 460 -7.75 1.21 19.18
C PRO A 460 -7.62 2.16 20.38
N GLU A 461 -8.70 2.85 20.75
CA GLU A 461 -8.80 3.63 22.02
C GLU A 461 -9.09 2.68 23.19
N ASP A 462 -10.09 1.81 23.03
CA ASP A 462 -10.45 0.75 24.03
C ASP A 462 -9.20 -0.02 24.36
N PRO A 463 -8.74 -0.02 25.65
CA PRO A 463 -7.55 -0.77 26.04
C PRO A 463 -7.69 -2.30 25.91
N GLU A 464 -8.91 -2.85 25.87
CA GLU A 464 -9.14 -4.31 25.66
C GLU A 464 -8.75 -4.66 24.22
N GLU A 465 -9.26 -3.88 23.26
CA GLU A 465 -8.90 -3.94 21.81
C GLU A 465 -7.38 -3.74 21.64
N LEU A 466 -6.79 -2.80 22.37
CA LEU A 466 -5.36 -2.42 22.22
C LEU A 466 -4.47 -3.58 22.66
N GLU A 467 -4.74 -4.17 23.84
CA GLU A 467 -4.01 -5.36 24.31
C GLU A 467 -4.17 -6.46 23.26
N ALA A 468 -5.39 -6.67 22.76
CA ALA A 468 -5.71 -7.69 21.73
C ALA A 468 -4.79 -7.52 20.50
N LEU A 469 -4.61 -6.27 20.05
CA LEU A 469 -3.78 -5.93 18.87
C LEU A 469 -2.32 -6.26 19.16
N ARG A 470 -1.81 -5.85 20.31
CA ARG A 470 -0.43 -6.18 20.77
C ARG A 470 -0.28 -7.70 20.81
N GLU A 471 -1.29 -8.42 21.31
CA GLU A 471 -1.26 -9.91 21.34
C GLU A 471 -1.19 -10.42 19.90
N ARG A 472 -2.08 -9.95 19.02
CA ARG A 472 -2.06 -10.26 17.57
C ARG A 472 -0.67 -9.98 16.98
N LEU A 473 0.00 -8.87 17.37
CA LEU A 473 1.31 -8.49 16.78
C LEU A 473 2.40 -9.44 17.24
N ARG A 474 2.39 -9.84 18.52
CA ARG A 474 3.37 -10.83 19.05
C ARG A 474 3.23 -12.15 18.30
N LYS A 475 1.98 -12.55 17.98
CA LYS A 475 1.64 -13.76 17.19
C LYS A 475 2.21 -13.65 15.77
N ARG A 476 1.87 -12.59 15.04
CA ARG A 476 2.32 -12.44 13.63
C ARG A 476 3.84 -12.31 13.61
N TYR A 477 4.40 -11.43 14.45
CA TYR A 477 5.78 -10.93 14.35
C TYR A 477 6.60 -11.49 15.53
N PRO A 478 7.35 -12.59 15.31
CA PRO A 478 8.17 -13.19 16.35
C PRO A 478 9.35 -12.29 16.75
N GLY A 479 9.98 -11.60 15.79
CA GLY A 479 11.18 -10.79 16.00
C GLY A 479 10.88 -9.39 16.54
N VAL A 480 9.74 -9.21 17.24
CA VAL A 480 9.26 -7.90 17.79
C VAL A 480 10.18 -7.47 18.93
N ASP A 481 10.68 -8.42 19.71
CA ASP A 481 11.61 -8.15 20.85
C ASP A 481 12.93 -7.64 20.29
N LYS A 482 13.39 -8.19 19.16
CA LYS A 482 14.60 -7.68 18.46
C LYS A 482 14.40 -6.25 17.93
N PHE A 483 13.16 -5.86 17.55
CA PHE A 483 12.86 -4.50 17.01
C PHE A 483 13.01 -3.48 18.14
N ASN A 484 12.41 -3.76 19.29
CA ASN A 484 12.57 -2.92 20.52
C ASN A 484 14.02 -2.93 21.00
N LYS A 485 14.71 -4.06 20.94
CA LYS A 485 16.14 -4.11 21.32
C LYS A 485 16.88 -3.09 20.45
N ALA A 486 16.72 -3.16 19.12
CA ALA A 486 17.40 -2.29 18.13
C ALA A 486 17.06 -0.83 18.40
N ARG A 487 15.86 -0.54 18.89
CA ARG A 487 15.44 0.86 19.20
C ARG A 487 16.23 1.38 20.41
N ARG A 488 16.18 0.65 21.54
CA ARG A 488 16.98 0.93 22.76
C ARG A 488 18.42 1.25 22.35
N GLU A 489 19.03 0.42 21.52
CA GLU A 489 20.44 0.57 21.07
C GLU A 489 20.64 1.81 20.17
N LEU A 490 19.84 1.99 19.11
CA LEU A 490 20.11 3.05 18.10
C LEU A 490 19.40 4.36 18.47
N ASP A 491 18.35 4.32 19.30
CA ASP A 491 17.47 5.49 19.62
C ASP A 491 17.11 5.44 21.10
N PRO A 492 18.14 5.39 21.99
CA PRO A 492 17.90 5.18 23.42
C PRO A 492 16.96 6.22 24.05
N LYS A 493 17.08 7.48 23.64
CA LYS A 493 16.23 8.60 24.11
C LYS A 493 14.89 8.58 23.36
N ASN A 494 14.75 7.71 22.35
CA ASN A 494 13.44 7.42 21.71
C ASN A 494 12.89 8.67 21.02
N ILE A 495 13.72 9.41 20.29
CA ILE A 495 13.29 10.68 19.61
C ILE A 495 12.70 10.38 18.22
N LEU A 496 12.76 9.13 17.75
CA LEU A 496 12.36 8.77 16.36
C LEU A 496 10.90 8.28 16.33
N SER A 497 10.33 7.95 17.49
CA SER A 497 9.03 7.28 17.66
C SER A 497 7.96 8.27 18.13
N ASN A 498 6.70 7.92 17.89
CA ASN A 498 5.51 8.74 18.21
C ASN A 498 4.56 7.87 19.05
N ASP A 499 3.36 8.36 19.33
CA ASP A 499 2.40 7.66 20.22
C ASP A 499 2.06 6.32 19.56
N MET A 500 1.95 6.29 18.23
CA MET A 500 1.60 5.07 17.46
C MET A 500 2.61 3.95 17.74
N ILE A 501 3.90 4.22 17.51
CA ILE A 501 5.00 3.23 17.68
C ILE A 501 5.02 2.74 19.12
N ASP A 502 4.99 3.66 20.10
CA ASP A 502 5.06 3.28 21.54
C ASP A 502 3.84 2.42 21.88
N SER A 503 2.66 2.81 21.40
CA SER A 503 1.38 2.09 21.69
C SER A 503 1.38 0.69 21.05
N LEU A 504 2.05 0.50 19.92
CA LEU A 504 2.10 -0.80 19.19
C LEU A 504 3.21 -1.67 19.77
N PHE A 505 4.34 -1.06 20.12
CA PHE A 505 5.56 -1.75 20.59
C PHE A 505 6.00 -1.20 21.95
N PRO A 506 5.28 -1.51 23.06
CA PRO A 506 5.77 -1.26 24.41
C PRO A 506 6.31 -2.55 25.05
#